data_9JKO
#
_entry.id   9JKO
#
_cell.length_a   47.610
_cell.length_b   58.450
_cell.length_c   81.500
_cell.angle_alpha   90.00
_cell.angle_beta   90.00
_cell.angle_gamma   90.00
#
_symmetry.space_group_name_H-M   'P 21 21 21'
#
loop_
_entity.id
_entity.type
_entity.pdbx_description
1 polymer 'Zygote arrest protein 1'
2 non-polymer 'ZINC ION'
3 water water
#
_entity_poly.entity_id   1
_entity_poly.type   'polypeptide(L)'
_entity_poly.pdbx_seq_one_letter_code
;HMQFLEQKYGYYHCKDCNIRWESAYVWCVQGTNKVYFKQFCRTCQKSYNPYRVEDITCQSCKQTRCSCPVKLRHVDPKRP
HRQDLCGRCKGKRLSCDS
;
_entity_poly.pdbx_strand_id   A,B
#
# COMPACT_ATOMS: atom_id res chain seq x y z
N HIS A 1 9.14 -18.78 24.78
CA HIS A 1 9.22 -18.01 23.54
C HIS A 1 8.28 -18.55 22.46
N MET A 2 7.69 -17.66 21.68
CA MET A 2 6.97 -18.12 20.51
C MET A 2 7.96 -18.70 19.51
N GLN A 3 7.51 -19.69 18.73
CA GLN A 3 8.39 -20.24 17.71
C GLN A 3 8.90 -19.14 16.79
N PHE A 4 10.11 -19.32 16.27
CA PHE A 4 10.67 -18.34 15.35
C PHE A 4 9.81 -18.36 14.09
N LEU A 5 9.46 -17.18 13.60
CA LEU A 5 8.70 -17.08 12.36
C LEU A 5 9.59 -16.47 11.28
N GLU A 6 9.24 -16.76 10.03
CA GLU A 6 10.07 -16.35 8.91
C GLU A 6 9.21 -15.47 8.03
N GLN A 7 9.64 -14.22 7.86
CA GLN A 7 8.91 -13.26 7.04
C GLN A 7 9.06 -13.63 5.58
N LYS A 8 7.94 -13.84 4.88
CA LYS A 8 7.93 -14.20 3.46
C LYS A 8 6.97 -13.30 2.69
N TYR A 9 6.95 -13.49 1.37
CA TYR A 9 6.10 -12.74 0.46
C TYR A 9 4.92 -13.60 0.03
N GLY A 10 3.71 -13.05 0.09
CA GLY A 10 2.51 -13.83 -0.19
C GLY A 10 1.58 -13.18 -1.19
N TYR A 11 0.88 -14.05 -1.92
CA TYR A 11 -0.11 -13.69 -2.92
C TYR A 11 -1.48 -14.17 -2.46
N TYR A 12 -2.45 -13.26 -2.44
CA TYR A 12 -3.77 -13.55 -1.88
C TYR A 12 -4.87 -13.25 -2.89
N HIS A 13 -6.00 -13.93 -2.69
CA HIS A 13 -7.18 -13.67 -3.52
C HIS A 13 -8.42 -14.02 -2.72
N CYS A 14 -9.26 -13.02 -2.43
CA CYS A 14 -10.59 -13.30 -1.91
C CYS A 14 -11.53 -13.45 -3.10
N LYS A 15 -11.98 -14.66 -3.37
CA LYS A 15 -12.83 -14.90 -4.55
C LYS A 15 -14.23 -14.32 -4.32
N ASP A 16 -14.69 -14.28 -3.07
CA ASP A 16 -16.02 -13.73 -2.81
C ASP A 16 -16.11 -12.26 -3.21
N CYS A 17 -15.10 -11.47 -2.93
CA CYS A 17 -15.09 -10.05 -3.30
C CYS A 17 -14.33 -9.78 -4.59
N ASN A 18 -13.66 -10.80 -5.12
CA ASN A 18 -12.71 -10.67 -6.22
C ASN A 18 -11.72 -9.52 -5.99
N ILE A 19 -10.97 -9.69 -4.90
CA ILE A 19 -9.93 -8.76 -4.49
C ILE A 19 -8.64 -9.54 -4.35
N ARG A 20 -7.59 -9.10 -5.06
CA ARG A 20 -6.27 -9.69 -4.93
C ARG A 20 -5.37 -8.74 -4.18
N TRP A 21 -4.52 -9.28 -3.29
CA TRP A 21 -3.55 -8.42 -2.65
C TRP A 21 -2.27 -9.21 -2.43
N GLU A 22 -1.20 -8.48 -2.16
CA GLU A 22 0.10 -9.10 -1.92
C GLU A 22 0.64 -8.53 -0.63
N SER A 23 1.59 -9.25 -0.02
CA SER A 23 2.13 -8.75 1.24
C SER A 23 3.56 -9.24 1.39
N ALA A 24 4.44 -8.36 1.85
CA ALA A 24 5.79 -8.77 2.22
C ALA A 24 5.88 -9.15 3.69
N TYR A 25 4.76 -9.30 4.39
CA TYR A 25 4.80 -9.62 5.82
C TYR A 25 3.97 -10.85 6.10
N VAL A 26 4.16 -11.90 5.31
CA VAL A 26 3.50 -13.17 5.55
C VAL A 26 4.39 -13.95 6.51
N TRP A 27 3.86 -14.28 7.68
CA TRP A 27 4.64 -14.87 8.75
C TRP A 27 4.51 -16.40 8.68
N CYS A 28 5.60 -17.08 8.37
CA CYS A 28 5.58 -18.52 8.19
C CYS A 28 6.31 -19.21 9.33
N VAL A 29 5.82 -20.41 9.69
CA VAL A 29 6.65 -21.35 10.47
C VAL A 29 8.02 -21.45 9.84
N GLN A 30 9.07 -21.21 10.64
CA GLN A 30 10.39 -20.98 10.05
C GLN A 30 10.83 -22.19 9.24
N GLY A 31 11.38 -21.95 8.06
CA GLY A 31 11.81 -23.04 7.20
C GLY A 31 10.71 -23.72 6.41
N THR A 32 9.48 -23.24 6.48
CA THR A 32 8.36 -23.91 5.83
C THR A 32 7.54 -22.88 5.07
N ASN A 33 6.49 -23.33 4.40
CA ASN A 33 5.58 -22.38 3.79
C ASN A 33 4.26 -22.37 4.55
N LYS A 34 4.26 -22.91 5.78
CA LYS A 34 3.06 -22.91 6.59
C LYS A 34 2.87 -21.54 7.21
N VAL A 35 1.73 -20.92 6.90
CA VAL A 35 1.41 -19.56 7.31
C VAL A 35 0.79 -19.53 8.70
N TYR A 36 1.40 -18.77 9.60
CA TYR A 36 0.99 -18.79 10.99
C TYR A 36 -0.07 -17.76 11.31
N PHE A 37 -0.06 -16.59 10.64
CA PHE A 37 -1.05 -15.55 10.87
C PHE A 37 -1.86 -15.30 9.61
N LYS A 38 -3.16 -15.12 9.80
CA LYS A 38 -4.04 -14.75 8.71
C LYS A 38 -3.90 -13.28 8.34
N GLN A 39 -4.38 -12.96 7.13
CA GLN A 39 -4.62 -11.59 6.71
C GLN A 39 -6.08 -11.51 6.32
N PHE A 40 -6.63 -10.30 6.35
CA PHE A 40 -8.06 -10.11 6.23
C PHE A 40 -8.40 -9.35 4.95
N CYS A 41 -9.48 -9.77 4.28
CA CYS A 41 -9.91 -9.08 3.07
C CYS A 41 -10.45 -7.69 3.44
N ARG A 42 -10.01 -6.69 2.70
CA ARG A 42 -10.37 -5.32 3.06
C ARG A 42 -11.86 -5.06 2.85
N THR A 43 -12.56 -5.92 2.14
CA THR A 43 -13.98 -5.67 1.90
C THR A 43 -14.87 -6.54 2.80
N CYS A 44 -14.69 -7.87 2.77
CA CYS A 44 -15.56 -8.74 3.55
C CYS A 44 -15.03 -9.05 4.94
N GLN A 45 -13.79 -8.70 5.22
CA GLN A 45 -13.15 -8.87 6.52
C GLN A 45 -13.06 -10.34 6.96
N LYS A 46 -13.20 -11.31 6.06
CA LYS A 46 -12.86 -12.67 6.45
C LYS A 46 -11.35 -12.88 6.37
N SER A 47 -10.89 -13.97 6.99
CA SER A 47 -9.47 -14.32 7.12
C SER A 47 -9.00 -15.19 5.96
N TYR A 48 -7.75 -14.99 5.56
CA TYR A 48 -7.20 -15.73 4.42
C TYR A 48 -5.76 -16.11 4.64
N ASN A 49 -5.39 -17.31 4.15
CA ASN A 49 -4.00 -17.58 3.86
C ASN A 49 -3.72 -17.27 2.39
N PRO A 50 -2.46 -16.97 2.04
CA PRO A 50 -2.14 -16.73 0.63
C PRO A 50 -2.20 -18.03 -0.16
N TYR A 51 -2.51 -17.93 -1.45
CA TYR A 51 -2.46 -19.15 -2.26
C TYR A 51 -1.04 -19.47 -2.75
N ARG A 52 -0.11 -18.53 -2.64
CA ARG A 52 1.28 -18.70 -3.03
C ARG A 52 2.18 -17.91 -2.07
N VAL A 53 3.26 -18.55 -1.65
CA VAL A 53 4.26 -17.94 -0.78
C VAL A 53 5.59 -18.01 -1.50
N GLU A 54 6.39 -16.93 -1.42
CA GLU A 54 7.74 -16.96 -1.97
C GLU A 54 8.73 -16.43 -0.94
N ASP A 55 9.96 -16.91 -1.02
CA ASP A 55 11.03 -16.31 -0.23
C ASP A 55 11.28 -14.88 -0.67
N ILE A 56 11.52 -14.00 0.30
CA ILE A 56 11.87 -12.63 -0.01
C ILE A 56 13.28 -12.59 -0.58
N THR A 57 13.48 -11.85 -1.67
CA THR A 57 14.85 -11.58 -2.05
C THR A 57 15.32 -10.36 -1.27
N CYS A 58 16.31 -10.60 -0.41
CA CYS A 58 16.83 -9.57 0.48
C CYS A 58 17.38 -8.39 -0.31
N GLN A 59 16.93 -7.18 0.06
CA GLN A 59 17.47 -6.00 -0.60
C GLN A 59 18.75 -5.52 0.04
N SER A 60 19.19 -6.16 1.11
CA SER A 60 20.51 -5.85 1.66
C SER A 60 21.60 -6.65 0.95
N CYS A 61 21.41 -7.96 0.81
CA CYS A 61 22.46 -8.86 0.34
C CYS A 61 22.11 -9.61 -0.94
N LYS A 62 20.88 -9.45 -1.46
CA LYS A 62 20.45 -10.08 -2.70
C LYS A 62 20.37 -11.61 -2.63
N GLN A 63 20.21 -12.20 -1.44
CA GLN A 63 19.98 -13.64 -1.35
C GLN A 63 18.65 -13.98 -0.69
N THR A 64 18.19 -15.21 -0.96
CA THR A 64 17.10 -15.79 -0.19
C THR A 64 17.67 -16.59 0.99
N ARG A 65 16.87 -16.70 2.06
CA ARG A 65 17.25 -17.46 3.26
C ARG A 65 18.53 -16.91 3.90
N CYS A 66 18.73 -15.60 3.82
CA CYS A 66 19.96 -15.01 4.40
C CYS A 66 19.78 -14.75 5.89
N SER A 67 20.85 -14.25 6.54
CA SER A 67 20.75 -13.96 7.96
C SER A 67 20.74 -12.45 8.25
N CYS A 68 20.41 -11.63 7.27
CA CYS A 68 20.38 -10.19 7.50
C CYS A 68 19.27 -9.82 8.47
N PRO A 69 19.47 -8.80 9.30
CA PRO A 69 18.42 -8.43 10.24
C PRO A 69 17.20 -7.82 9.56
N VAL A 70 17.39 -7.11 8.45
CA VAL A 70 16.28 -6.44 7.77
C VAL A 70 16.43 -6.73 6.27
N LYS A 71 15.43 -7.38 5.68
CA LYS A 71 15.49 -7.74 4.27
C LYS A 71 14.83 -6.70 3.38
N LEU A 72 13.86 -5.99 3.94
CA LEU A 72 13.07 -4.97 3.24
C LEU A 72 12.87 -3.82 4.22
N ARG A 73 13.13 -2.59 3.79
CA ARG A 73 13.02 -1.46 4.71
C ARG A 73 11.65 -1.40 5.36
N HIS A 74 11.66 -1.00 6.63
CA HIS A 74 10.45 -0.70 7.35
C HIS A 74 9.97 0.73 7.05
N VAL A 75 8.79 1.04 7.55
CA VAL A 75 8.24 2.39 7.47
C VAL A 75 8.32 2.89 6.04
N ASP A 76 7.88 2.08 5.08
CA ASP A 76 8.08 2.37 3.67
C ASP A 76 6.82 2.96 3.06
N PRO A 77 6.80 4.24 2.72
CA PRO A 77 5.59 4.83 2.14
C PRO A 77 5.23 4.27 0.79
N LYS A 78 6.16 3.65 0.07
CA LYS A 78 5.83 3.07 -1.22
C LYS A 78 5.30 1.65 -1.09
N ARG A 79 5.46 1.05 0.08
CA ARG A 79 5.11 -0.36 0.28
C ARG A 79 4.39 -0.50 1.61
N PRO A 80 3.17 0.01 1.71
CA PRO A 80 2.46 -0.01 3.00
C PRO A 80 2.08 -1.42 3.41
N HIS A 81 1.90 -1.58 4.72
CA HIS A 81 1.40 -2.81 5.35
C HIS A 81 0.09 -2.45 6.06
N ARG A 82 -1.02 -3.13 5.72
CA ARG A 82 -2.31 -2.82 6.35
C ARG A 82 -2.39 -3.45 7.73
N GLN A 83 -2.00 -2.64 8.73
CA GLN A 83 -2.02 -3.11 10.11
C GLN A 83 -3.37 -3.64 10.52
N ASP A 84 -4.42 -2.98 10.05
CA ASP A 84 -5.77 -3.34 10.44
C ASP A 84 -6.24 -4.64 9.81
N LEU A 85 -5.53 -5.16 8.79
CA LEU A 85 -5.85 -6.39 8.10
C LEU A 85 -4.84 -7.50 8.37
N CYS A 86 -3.97 -7.31 9.36
CA CYS A 86 -2.85 -8.24 9.63
C CYS A 86 -3.14 -9.03 10.90
N GLY A 87 -3.16 -10.36 10.81
CA GLY A 87 -3.42 -11.18 11.98
C GLY A 87 -2.35 -11.01 13.05
N ARG A 88 -1.12 -10.65 12.65
CA ARG A 88 -0.08 -10.52 13.66
C ARG A 88 -0.19 -9.22 14.45
N CYS A 89 -0.44 -8.07 13.78
CA CYS A 89 -0.31 -6.77 14.45
C CYS A 89 -1.57 -5.91 14.54
N LYS A 90 -2.73 -6.39 14.08
CA LYS A 90 -3.91 -5.55 14.13
CA LYS A 90 -3.96 -5.61 14.14
C LYS A 90 -4.29 -5.17 15.56
N GLY A 91 -3.92 -5.97 16.55
CA GLY A 91 -4.20 -5.69 17.95
C GLY A 91 -3.11 -4.99 18.73
N LYS A 92 -2.02 -4.62 18.08
CA LYS A 92 -0.83 -4.11 18.77
C LYS A 92 -0.63 -2.63 18.47
N ARG A 93 0.16 -1.94 19.32
CA ARG A 93 0.39 -0.52 19.03
C ARG A 93 1.34 -0.31 17.86
N LEU A 94 2.33 -1.19 17.66
CA LEU A 94 3.33 -1.03 16.59
C LEU A 94 3.11 -2.10 15.52
N SER A 95 2.94 -1.67 14.28
CA SER A 95 2.73 -2.64 13.20
C SER A 95 4.00 -3.43 12.91
N CYS A 96 3.84 -4.51 12.12
CA CYS A 96 4.97 -5.32 11.67
C CYS A 96 6.02 -4.47 10.96
N ASP A 97 5.61 -3.42 10.26
CA ASP A 97 6.52 -2.63 9.45
C ASP A 97 6.92 -1.34 10.13
N SER A 98 6.68 -1.25 11.44
CA SER A 98 7.03 -0.07 12.23
C SER A 98 8.51 -0.03 12.55
N HIS B 1 -19.75 18.71 -18.33
CA HIS B 1 -18.67 17.81 -17.87
C HIS B 1 -17.30 18.31 -18.31
N MET B 2 -16.85 19.44 -17.75
CA MET B 2 -15.63 20.08 -18.22
C MET B 2 -14.46 19.64 -17.33
N GLN B 3 -13.57 18.84 -17.91
CA GLN B 3 -12.50 18.25 -17.12
C GLN B 3 -11.51 19.32 -16.70
N PHE B 4 -10.81 19.07 -15.58
CA PHE B 4 -9.89 20.08 -15.09
C PHE B 4 -8.83 19.47 -14.18
N LEU B 5 -8.90 18.16 -13.92
CA LEU B 5 -8.02 17.57 -12.91
C LEU B 5 -6.86 16.83 -13.57
N GLU B 6 -5.71 16.87 -12.90
CA GLU B 6 -4.50 16.22 -13.37
C GLU B 6 -4.01 15.32 -12.24
N GLN B 7 -3.78 14.05 -12.55
CA GLN B 7 -3.24 13.12 -11.56
C GLN B 7 -1.75 13.39 -11.30
N LYS B 8 -1.38 13.54 -10.03
CA LYS B 8 0.01 13.79 -9.65
C LYS B 8 0.38 12.92 -8.44
N TYR B 9 1.65 12.99 -8.04
CA TYR B 9 2.21 12.26 -6.92
C TYR B 9 2.39 13.20 -5.73
N GLY B 10 1.97 12.78 -4.54
CA GLY B 10 2.03 13.63 -3.36
C GLY B 10 2.66 12.97 -2.17
N TYR B 11 3.27 13.80 -1.32
CA TYR B 11 3.90 13.38 -0.07
C TYR B 11 3.15 14.02 1.07
N TYR B 12 2.72 13.22 2.05
CA TYR B 12 1.87 13.66 3.15
C TYR B 12 2.51 13.42 4.51
N HIS B 13 2.10 14.21 5.50
CA HIS B 13 2.55 14.01 6.87
C HIS B 13 1.46 14.46 7.82
N CYS B 14 0.99 13.54 8.68
CA CYS B 14 0.12 13.90 9.80
C CYS B 14 1.02 14.06 11.02
N LYS B 15 1.19 15.30 11.48
CA LYS B 15 2.06 15.52 12.63
C LYS B 15 1.47 14.96 13.91
N ASP B 16 0.14 15.00 14.07
CA ASP B 16 -0.44 14.51 15.31
C ASP B 16 -0.15 13.02 15.51
N CYS B 17 -0.25 12.21 14.45
CA CYS B 17 0.05 10.77 14.54
C CYS B 17 1.49 10.43 14.18
N ASN B 18 2.25 11.41 13.75
CA ASN B 18 3.53 11.22 13.07
C ASN B 18 3.53 10.02 12.13
N ILE B 19 2.67 10.14 11.12
CA ILE B 19 2.53 9.17 10.04
C ILE B 19 2.84 9.89 8.74
N ARG B 20 3.64 9.28 7.88
CA ARG B 20 3.87 9.79 6.53
C ARG B 20 3.31 8.79 5.53
N TRP B 21 2.66 9.28 4.47
CA TRP B 21 2.23 8.42 3.38
C TRP B 21 2.42 9.17 2.07
N GLU B 22 2.46 8.42 0.98
CA GLU B 22 2.58 8.98 -0.35
C GLU B 22 1.43 8.45 -1.19
N SER B 23 1.08 9.18 -2.25
CA SER B 23 -0.02 8.74 -3.10
C SER B 23 0.26 9.13 -4.56
N ALA B 24 -0.07 8.22 -5.47
CA ALA B 24 -0.02 8.49 -6.90
C ALA B 24 -1.37 8.97 -7.43
N TYR B 25 -2.32 9.26 -6.53
CA TYR B 25 -3.63 9.72 -6.96
C TYR B 25 -3.95 11.05 -6.31
N VAL B 26 -3.02 11.98 -6.37
CA VAL B 26 -3.26 13.33 -5.87
C VAL B 26 -3.85 14.13 -7.02
N TRP B 27 -5.06 14.63 -6.84
CA TRP B 27 -5.80 15.28 -7.91
C TRP B 27 -5.61 16.79 -7.84
N CYS B 28 -4.94 17.35 -8.84
CA CYS B 28 -4.61 18.77 -8.90
C CYS B 28 -5.39 19.46 -10.02
N VAL B 29 -5.69 20.75 -9.82
CA VAL B 29 -6.15 21.55 -10.95
C VAL B 29 -5.07 21.53 -12.03
N GLN B 30 -5.44 21.08 -13.22
CA GLN B 30 -4.46 20.84 -14.28
C GLN B 30 -3.63 22.09 -14.56
N GLY B 31 -2.32 21.88 -14.76
CA GLY B 31 -1.39 22.98 -14.95
C GLY B 31 -1.02 23.72 -13.68
N THR B 32 -1.40 23.20 -12.51
CA THR B 32 -1.07 23.78 -11.21
C THR B 32 -0.71 22.66 -10.25
N ASN B 33 -0.20 23.05 -9.09
CA ASN B 33 -0.05 22.15 -7.95
C ASN B 33 -1.16 22.35 -6.93
N LYS B 34 -2.28 22.97 -7.30
CA LYS B 34 -3.35 23.14 -6.34
C LYS B 34 -4.16 21.86 -6.22
N VAL B 35 -4.25 21.33 -5.01
CA VAL B 35 -4.81 20.01 -4.77
C VAL B 35 -6.29 20.14 -4.49
N TYR B 36 -7.08 19.40 -5.26
CA TYR B 36 -8.51 19.58 -5.23
C TYR B 36 -9.23 18.66 -4.28
N PHE B 37 -8.71 17.46 -4.02
CA PHE B 37 -9.32 16.54 -3.07
C PHE B 37 -8.34 16.25 -1.96
N LYS B 38 -8.86 16.23 -0.73
CA LYS B 38 -8.09 15.86 0.45
C LYS B 38 -7.87 14.34 0.53
N GLN B 39 -6.87 13.94 1.30
CA GLN B 39 -6.72 12.55 1.73
C GLN B 39 -6.71 12.51 3.24
N PHE B 40 -7.26 11.44 3.80
CA PHE B 40 -7.42 11.34 5.24
C PHE B 40 -6.28 10.55 5.86
N CYS B 41 -5.92 10.91 7.08
CA CYS B 41 -4.87 10.19 7.78
C CYS B 41 -5.38 8.78 8.14
N ARG B 42 -4.52 7.77 7.98
CA ARG B 42 -5.03 6.44 8.23
C ARG B 42 -5.22 6.13 9.71
N THR B 43 -4.78 7.00 10.60
CA THR B 43 -5.03 6.75 12.02
C THR B 43 -6.03 7.71 12.64
N CYS B 44 -5.94 9.01 12.36
CA CYS B 44 -6.81 9.96 13.02
C CYS B 44 -7.92 10.52 12.14
N GLN B 45 -7.93 10.19 10.85
CA GLN B 45 -9.02 10.61 9.96
C GLN B 45 -9.17 12.14 9.81
N LYS B 46 -8.23 12.96 10.30
CA LYS B 46 -8.16 14.35 9.83
C LYS B 46 -7.85 14.35 8.34
N SER B 47 -8.31 15.37 7.63
CA SER B 47 -8.04 15.47 6.18
C SER B 47 -6.80 16.32 5.91
N TYR B 48 -6.09 16.00 4.83
CA TYR B 48 -4.83 16.67 4.51
C TYR B 48 -4.69 16.93 3.03
N ASN B 49 -4.01 18.00 2.71
CA ASN B 49 -3.30 18.18 1.45
C ASN B 49 -1.83 17.76 1.61
N PRO B 50 -1.17 17.37 0.53
CA PRO B 50 0.25 16.99 0.63
C PRO B 50 1.10 18.23 0.84
N TYR B 51 2.24 18.07 1.53
CA TYR B 51 3.15 19.20 1.62
C TYR B 51 4.04 19.34 0.40
N ARG B 52 4.04 18.34 -0.49
CA ARG B 52 4.89 18.32 -1.68
C ARG B 52 4.18 17.55 -2.77
N VAL B 53 4.16 18.11 -3.97
CA VAL B 53 3.56 17.50 -5.15
C VAL B 53 4.60 17.40 -6.26
N GLU B 54 4.60 16.26 -6.97
CA GLU B 54 5.48 16.09 -8.11
C GLU B 54 4.70 15.48 -9.27
N ASP B 55 5.20 15.73 -10.48
CA ASP B 55 4.66 15.02 -11.65
C ASP B 55 4.94 13.55 -11.48
N ILE B 56 3.99 12.72 -11.89
CA ILE B 56 4.23 11.28 -11.90
C ILE B 56 5.34 10.93 -12.89
N THR B 57 6.17 9.96 -12.51
CA THR B 57 7.19 9.42 -13.40
C THR B 57 6.52 8.31 -14.22
N CYS B 58 6.32 8.57 -15.51
CA CYS B 58 5.48 7.67 -16.31
C CYS B 58 6.18 6.34 -16.56
N GLN B 59 5.48 5.25 -16.31
CA GLN B 59 6.04 3.94 -16.66
C GLN B 59 5.60 3.42 -18.01
N SER B 60 4.79 4.18 -18.74
CA SER B 60 4.34 3.86 -20.08
C SER B 60 5.25 4.40 -21.18
N CYS B 61 5.86 5.57 -20.97
CA CYS B 61 6.69 6.18 -21.98
C CYS B 61 8.03 6.67 -21.46
N LYS B 62 8.22 6.79 -20.15
CA LYS B 62 9.52 7.17 -19.60
C LYS B 62 9.96 8.57 -20.07
N GLN B 63 9.01 9.42 -20.47
CA GLN B 63 9.32 10.77 -20.89
C GLN B 63 8.52 11.72 -20.00
N THR B 64 8.93 12.99 -19.95
CA THR B 64 8.22 13.94 -19.11
C THR B 64 7.11 14.64 -19.91
N ARG B 65 6.18 15.27 -19.18
CA ARG B 65 5.06 16.04 -19.74
C ARG B 65 4.29 15.25 -20.81
N CYS B 66 4.09 13.96 -20.54
CA CYS B 66 3.55 13.06 -21.55
C CYS B 66 2.02 13.14 -21.60
N SER B 67 1.46 12.41 -22.55
CA SER B 67 0.02 12.34 -22.72
C SER B 67 -0.51 10.91 -22.63
N CYS B 68 0.24 9.99 -22.00
CA CYS B 68 -0.21 8.60 -21.92
C CYS B 68 -1.53 8.51 -21.16
N PRO B 69 -2.43 7.60 -21.58
CA PRO B 69 -3.69 7.44 -20.84
C PRO B 69 -3.49 6.85 -19.45
N VAL B 70 -2.47 6.03 -19.28
CA VAL B 70 -2.17 5.40 -17.98
C VAL B 70 -0.69 5.55 -17.75
N LYS B 71 -0.33 6.32 -16.72
CA LYS B 71 1.08 6.48 -16.39
C LYS B 71 1.55 5.45 -15.39
N LEU B 72 0.63 4.89 -14.61
CA LEU B 72 0.91 3.96 -13.54
C LEU B 72 -0.22 2.94 -13.55
N ARG B 73 0.13 1.68 -13.47
CA ARG B 73 -0.90 0.65 -13.56
C ARG B 73 -1.96 0.82 -12.49
N HIS B 74 -3.21 0.58 -12.87
CA HIS B 74 -4.31 0.44 -11.95
C HIS B 74 -4.30 -0.96 -11.33
N VAL B 75 -5.15 -1.16 -10.32
CA VAL B 75 -5.41 -2.46 -9.70
C VAL B 75 -4.06 -3.10 -9.38
N ASP B 76 -3.22 -2.34 -8.70
CA ASP B 76 -1.82 -2.74 -8.53
C ASP B 76 -1.63 -3.28 -7.12
N PRO B 77 -1.45 -4.59 -6.94
CA PRO B 77 -1.21 -5.13 -5.60
C PRO B 77 0.06 -4.56 -4.96
N LYS B 78 1.04 -4.08 -5.73
CA LYS B 78 2.22 -3.55 -5.08
C LYS B 78 2.13 -2.05 -4.75
N ARG B 79 1.10 -1.36 -5.24
CA ARG B 79 0.92 0.07 -4.97
C ARG B 79 -0.56 0.35 -4.72
N PRO B 80 -1.05 0.02 -3.54
CA PRO B 80 -2.47 0.19 -3.24
C PRO B 80 -2.82 1.66 -3.05
N HIS B 81 -4.11 1.96 -3.28
CA HIS B 81 -4.73 3.27 -3.08
C HIS B 81 -5.80 3.11 -2.00
N ARG B 82 -5.73 3.90 -0.93
CA ARG B 82 -6.71 3.75 0.14
C ARG B 82 -7.99 4.49 -0.22
N GLN B 83 -8.92 3.74 -0.83
CA GLN B 83 -10.20 4.30 -1.22
C GLN B 83 -10.92 4.93 -0.03
N ASP B 84 -10.82 4.28 1.13
CA ASP B 84 -11.55 4.77 2.31
C ASP B 84 -10.97 6.06 2.85
N LEU B 85 -9.74 6.43 2.45
CA LEU B 85 -9.08 7.65 2.90
C LEU B 85 -9.01 8.69 1.78
N CYS B 86 -9.73 8.48 0.66
CA CYS B 86 -9.58 9.34 -0.52
C CYS B 86 -10.80 10.24 -0.66
N GLY B 87 -10.59 11.56 -0.63
CA GLY B 87 -11.71 12.48 -0.77
C GLY B 87 -12.39 12.42 -2.12
N ARG B 88 -11.71 11.90 -3.15
CA ARG B 88 -12.36 11.79 -4.45
C ARG B 88 -13.24 10.55 -4.54
N CYS B 89 -12.75 9.37 -4.13
CA CYS B 89 -13.49 8.13 -4.40
C CYS B 89 -14.02 7.41 -3.17
N LYS B 90 -13.88 7.97 -1.95
CA LYS B 90 -14.38 7.21 -0.80
C LYS B 90 -15.87 6.95 -0.89
N GLY B 91 -16.65 7.86 -1.48
CA GLY B 91 -18.07 7.58 -1.63
C GLY B 91 -18.52 6.84 -2.89
N LYS B 92 -17.69 5.94 -3.45
CA LYS B 92 -17.93 5.41 -4.79
C LYS B 92 -17.75 3.90 -4.87
N ARG B 93 -18.46 3.29 -5.84
CA ARG B 93 -18.25 1.86 -6.06
C ARG B 93 -16.88 1.58 -6.67
N LEU B 94 -16.42 2.44 -7.58
CA LEU B 94 -15.13 2.23 -8.23
C LEU B 94 -14.12 3.25 -7.69
N SER B 95 -12.99 2.76 -7.20
CA SER B 95 -11.96 3.64 -6.68
C SER B 95 -11.17 4.31 -7.82
N CYS B 96 -10.35 5.30 -7.47
CA CYS B 96 -9.51 5.97 -8.46
C CYS B 96 -8.60 4.98 -9.18
N ASP B 97 -8.19 3.91 -8.49
CA ASP B 97 -7.23 2.96 -9.06
C ASP B 97 -7.91 1.70 -9.55
N SER B 98 -9.21 1.73 -9.74
CA SER B 98 -9.92 0.52 -10.16
C SER B 98 -9.86 0.32 -11.67
#